data_3GF0
#
_entry.id   3GF0
#
_cell.length_a   171.569
_cell.length_b   171.569
_cell.length_c   171.569
_cell.angle_alpha   90.00
_cell.angle_beta   90.00
_cell.angle_gamma   90.00
#
_symmetry.space_group_name_H-M   'I 4 3 2'
#
loop_
_entity.id
_entity.type
_entity.pdbx_description
1 polymer 'dCTP deaminase, dUMP-forming'
2 non-polymer 'MAGNESIUM ION'
3 non-polymer 'PYROPHOSPHATE 2-'
4 water water
#
_entity_poly.entity_id   1
_entity_poly.type   'polypeptide(L)'
_entity_poly.pdbx_seq_one_letter_code
;MILSDKDIIDYVTSKRIIIKPFNKDFVGPCSYDVTLGDEFIIYDDEVYDLSKELNYKRIKIKNSILVCPLNYNLTEEKIN
YFKEKYNVDYVVEGGVLGTTNEYIELPNDISAQYQGRSSLGRVFLTSHQTAGWIDAGFKGKITLQIVAFDKPVILYKNQR
IGQLIFSKLLSPADVGYSERKTSKYAYQKSVMPSLIHLDNHKKD
;
_entity_poly.pdbx_strand_id   A
#
# COMPACT_ATOMS: atom_id res chain seq x y z
N MET A 1 4.52 -13.62 -17.59
CA MET A 1 4.01 -12.79 -18.74
C MET A 1 3.04 -11.70 -18.31
N ILE A 2 3.42 -10.46 -18.63
CA ILE A 2 2.79 -9.30 -18.03
C ILE A 2 1.64 -8.76 -18.86
N LEU A 3 0.53 -8.51 -18.18
CA LEU A 3 -0.64 -7.95 -18.83
C LEU A 3 -0.40 -6.50 -19.23
N SER A 4 -0.77 -6.17 -20.46
CA SER A 4 -0.63 -4.81 -21.00
C SER A 4 -1.95 -4.05 -20.76
N ASP A 5 -2.00 -2.78 -21.12
CA ASP A 5 -3.24 -2.02 -21.05
C ASP A 5 -4.44 -2.81 -21.46
N LYS A 6 -4.48 -3.29 -22.70
CA LYS A 6 -5.73 -3.91 -23.17
C LYS A 6 -6.02 -5.22 -22.47
N ASP A 7 -5.00 -5.93 -22.00
CA ASP A 7 -5.29 -7.11 -21.17
C ASP A 7 -5.98 -6.76 -19.82
N ILE A 8 -5.55 -5.63 -19.22
CA ILE A 8 -6.08 -5.17 -17.92
C ILE A 8 -7.55 -4.90 -18.10
N ILE A 9 -7.87 -4.04 -19.06
CA ILE A 9 -9.29 -3.80 -19.43
C ILE A 9 -10.09 -5.08 -19.71
N ASP A 10 -9.53 -5.99 -20.50
CA ASP A 10 -10.22 -7.27 -20.74
C ASP A 10 -10.59 -7.96 -19.45
N TYR A 11 -9.60 -8.17 -18.55
CA TYR A 11 -9.81 -8.94 -17.30
C TYR A 11 -10.75 -8.29 -16.31
N VAL A 12 -10.77 -6.96 -16.37
CA VAL A 12 -11.61 -6.13 -15.55
C VAL A 12 -13.07 -6.19 -16.02
N THR A 13 -13.32 -5.79 -17.28
CA THR A 13 -14.61 -6.04 -17.93
C THR A 13 -15.25 -7.41 -17.59
N SER A 14 -14.57 -8.51 -17.83
CA SER A 14 -15.15 -9.81 -17.45
C SER A 14 -15.20 -10.08 -15.94
N LYS A 15 -14.59 -9.22 -15.14
CA LYS A 15 -14.56 -9.43 -13.69
C LYS A 15 -13.76 -10.65 -13.32
N ARG A 16 -12.76 -10.94 -14.17
CA ARG A 16 -11.74 -11.97 -13.82
C ARG A 16 -10.77 -11.36 -12.80
N ILE A 17 -10.45 -10.08 -13.03
CA ILE A 17 -9.81 -9.20 -12.06
C ILE A 17 -10.76 -8.10 -11.59
N ILE A 18 -10.97 -7.99 -10.28
CA ILE A 18 -11.75 -6.86 -9.73
C ILE A 18 -10.89 -5.73 -9.22
N ILE A 19 -11.27 -4.53 -9.56
CA ILE A 19 -10.62 -3.37 -9.05
C ILE A 19 -11.75 -2.42 -8.71
N LYS A 20 -12.12 -2.29 -7.44
CA LYS A 20 -13.07 -1.23 -6.97
C LYS A 20 -12.46 -0.15 -6.02
N PRO A 21 -12.50 1.14 -6.41
CA PRO A 21 -12.99 1.68 -7.66
C PRO A 21 -12.00 1.65 -8.88
N PHE A 22 -12.55 1.24 -10.01
CA PHE A 22 -11.83 1.25 -11.29
C PHE A 22 -11.90 2.56 -12.06
N ASN A 23 -10.79 3.04 -12.58
CA ASN A 23 -10.77 4.18 -13.48
C ASN A 23 -9.79 4.01 -14.69
N LYS A 24 -10.34 4.16 -15.91
CA LYS A 24 -9.63 3.81 -17.15
C LYS A 24 -8.45 4.66 -17.41
N ASP A 25 -8.44 5.89 -16.91
CA ASP A 25 -7.24 6.75 -17.16
C ASP A 25 -6.04 6.34 -16.29
N PHE A 26 -6.27 5.42 -15.36
CA PHE A 26 -5.19 4.99 -14.48
C PHE A 26 -4.47 3.79 -15.10
N VAL A 27 -5.10 3.18 -16.10
CA VAL A 27 -4.48 2.12 -16.93
C VAL A 27 -3.33 2.65 -17.76
N GLY A 28 -2.15 2.09 -17.60
CA GLY A 28 -1.01 2.52 -18.36
C GLY A 28 -0.54 1.40 -19.27
N PRO A 29 0.68 1.54 -19.79
CA PRO A 29 1.13 0.61 -20.83
C PRO A 29 1.04 -0.85 -20.33
N CYS A 30 1.61 -1.14 -19.16
CA CYS A 30 1.49 -2.47 -18.50
C CYS A 30 1.24 -2.45 -16.95
N SER A 31 0.48 -1.45 -16.47
CA SER A 31 0.20 -1.37 -15.05
C SER A 31 -1.06 -0.65 -14.77
N TYR A 32 -1.63 -0.86 -13.61
CA TYR A 32 -2.74 -0.07 -13.15
C TYR A 32 -2.25 0.83 -12.01
N ASP A 33 -2.54 2.12 -12.12
CA ASP A 33 -2.19 3.11 -11.08
C ASP A 33 -3.14 3.12 -9.85
N VAL A 34 -2.56 3.14 -8.63
CA VAL A 34 -3.36 3.05 -7.44
C VAL A 34 -3.23 4.34 -6.65
N THR A 35 -4.19 4.58 -5.76
CA THR A 35 -4.24 5.89 -5.04
C THR A 35 -4.21 5.70 -3.53
N LEU A 36 -3.63 6.71 -2.87
CA LEU A 36 -3.43 6.72 -1.44
C LEU A 36 -4.74 6.95 -0.70
N GLY A 37 -5.19 5.96 0.07
CA GLY A 37 -6.29 6.15 1.02
C GLY A 37 -6.01 7.18 2.13
N ASP A 38 -7.03 7.48 2.95
CA ASP A 38 -6.90 8.57 3.95
C ASP A 38 -6.53 8.05 5.33
N GLU A 39 -6.47 6.75 5.51
CA GLU A 39 -6.18 6.15 6.77
C GLU A 39 -4.75 5.58 6.94
N PHE A 40 -4.12 5.91 8.06
CA PHE A 40 -2.77 5.43 8.34
C PHE A 40 -2.71 4.78 9.69
N ILE A 41 -1.74 3.91 9.84
CA ILE A 41 -1.46 3.38 11.16
C ILE A 41 -0.02 3.61 11.51
N ILE A 42 0.24 3.93 12.78
CA ILE A 42 1.57 4.17 13.31
C ILE A 42 1.69 3.27 14.50
N TYR A 43 2.81 2.61 14.64
CA TYR A 43 2.95 1.68 15.69
C TYR A 43 3.49 2.30 16.96
N ASP A 44 3.14 1.70 18.07
CA ASP A 44 3.35 2.31 19.32
C ASP A 44 4.26 1.56 20.33
N ASP A 45 4.84 0.42 20.05
CA ASP A 45 5.68 -0.24 21.05
C ASP A 45 7.16 0.06 20.88
N GLU A 46 7.96 -0.16 21.90
CA GLU A 46 9.40 0.03 21.83
C GLU A 46 10.13 -0.91 20.81
N VAL A 47 9.64 -2.13 20.67
CA VAL A 47 10.19 -3.05 19.72
C VAL A 47 9.06 -3.89 19.15
N TYR A 48 9.23 -4.34 17.92
CA TYR A 48 8.29 -5.28 17.33
C TYR A 48 8.60 -6.71 17.74
N ASP A 49 7.81 -7.25 18.66
CA ASP A 49 7.96 -8.62 19.12
C ASP A 49 6.88 -9.39 18.40
N LEU A 50 7.28 -10.08 17.36
CA LEU A 50 6.37 -10.64 16.40
C LEU A 50 5.50 -11.70 17.00
N SER A 51 5.77 -12.09 18.22
CA SER A 51 4.89 -13.09 18.80
C SER A 51 3.84 -12.42 19.68
N LYS A 52 3.71 -11.09 19.63
CA LYS A 52 2.68 -10.42 20.45
C LYS A 52 1.75 -9.62 19.59
N GLU A 53 0.57 -9.29 20.11
CA GLU A 53 -0.29 -8.37 19.35
C GLU A 53 0.30 -6.97 19.51
N LEU A 54 0.36 -6.24 18.43
CA LEU A 54 1.10 -5.00 18.41
C LEU A 54 0.18 -3.82 18.73
N ASN A 55 0.63 -2.88 19.57
CA ASN A 55 -0.18 -1.68 19.84
C ASN A 55 0.04 -0.63 18.79
N TYR A 56 -1.03 0.06 18.40
CA TYR A 56 -0.99 1.08 17.34
C TYR A 56 -1.95 2.23 17.52
N LYS A 57 -1.71 3.29 16.78
CA LYS A 57 -2.63 4.37 16.69
C LYS A 57 -3.09 4.48 15.21
N ARG A 58 -4.32 4.92 14.99
CA ARG A 58 -4.82 5.22 13.63
C ARG A 58 -5.00 6.67 13.40
N ILE A 59 -4.72 7.11 12.17
CA ILE A 59 -5.07 8.48 11.81
C ILE A 59 -5.81 8.53 10.49
N LYS A 60 -6.69 9.52 10.37
CA LYS A 60 -7.46 9.72 9.16
C LYS A 60 -7.16 11.13 8.75
N ILE A 61 -6.50 11.34 7.61
CA ILE A 61 -6.17 12.72 7.17
C ILE A 61 -7.29 13.38 6.37
N LYS A 62 -7.35 14.70 6.37
CA LYS A 62 -8.28 15.41 5.50
C LYS A 62 -7.66 15.72 4.16
N ASN A 63 -6.43 16.21 4.14
CA ASN A 63 -5.78 16.56 2.91
C ASN A 63 -4.40 15.96 2.72
N SER A 64 -3.52 16.16 3.70
CA SER A 64 -2.16 15.79 3.53
C SER A 64 -1.37 15.37 4.83
N ILE A 65 -0.21 14.74 4.65
CA ILE A 65 0.58 14.27 5.75
C ILE A 65 2.06 14.45 5.45
N LEU A 66 2.85 14.80 6.45
CA LEU A 66 4.26 14.96 6.25
C LEU A 66 4.96 13.70 6.78
N VAL A 67 5.65 12.96 5.91
CA VAL A 67 6.37 11.78 6.38
C VAL A 67 7.83 12.12 6.49
N CYS A 68 8.39 12.02 7.71
CA CYS A 68 9.82 12.34 7.94
C CYS A 68 10.67 11.13 7.95
N PRO A 69 11.93 11.26 7.54
CA PRO A 69 12.83 10.10 7.76
C PRO A 69 12.95 9.81 9.23
N LEU A 70 13.27 8.54 9.59
CA LEU A 70 13.52 8.18 10.99
C LEU A 70 14.63 9.02 11.55
N ASN A 71 14.52 9.39 12.80
CA ASN A 71 15.62 10.06 13.48
C ASN A 71 15.71 11.51 12.98
N TYR A 72 14.58 11.96 12.44
CA TYR A 72 14.34 13.40 12.24
C TYR A 72 14.13 13.99 13.64
N ASN A 73 13.92 13.11 14.62
CA ASN A 73 13.68 13.47 16.03
C ASN A 73 12.67 14.60 16.23
N LEU A 74 11.40 14.21 16.20
CA LEU A 74 10.35 15.16 16.16
C LEU A 74 10.00 15.54 17.59
N THR A 75 10.05 16.82 17.87
CA THR A 75 9.54 17.36 19.11
C THR A 75 8.18 17.94 18.78
N GLU A 76 7.37 18.21 19.80
CA GLU A 76 6.14 18.95 19.64
C GLU A 76 6.42 20.28 18.97
N GLU A 77 7.45 21.00 19.37
CA GLU A 77 7.66 22.28 18.73
C GLU A 77 7.87 22.13 17.19
N LYS A 78 8.68 21.14 16.79
CA LYS A 78 8.91 20.84 15.37
C LYS A 78 7.66 20.44 14.63
N ILE A 79 6.86 19.55 15.24
CA ILE A 79 5.61 19.15 14.62
C ILE A 79 4.74 20.40 14.32
N ASN A 80 4.59 21.25 15.33
CA ASN A 80 3.86 22.50 15.16
C ASN A 80 4.40 23.42 14.05
N TYR A 81 5.72 23.56 13.96
CA TYR A 81 6.35 24.36 12.94
C TYR A 81 5.96 23.80 11.55
N PHE A 82 6.14 22.48 11.35
CA PHE A 82 5.82 21.92 10.07
C PHE A 82 4.32 22.06 9.74
N LYS A 83 3.48 21.95 10.77
CA LYS A 83 2.07 22.04 10.51
C LYS A 83 1.69 23.43 10.06
N GLU A 84 2.25 24.46 10.69
CA GLU A 84 1.95 25.80 10.28
C GLU A 84 2.58 26.12 8.95
N LYS A 85 3.83 25.74 8.75
CA LYS A 85 4.51 26.13 7.53
C LYS A 85 3.94 25.47 6.30
N TYR A 86 3.54 24.17 6.37
CA TYR A 86 3.16 23.39 5.18
C TYR A 86 1.71 23.04 5.12
N ASN A 87 0.92 23.40 6.15
CA ASN A 87 -0.50 23.02 6.27
C ASN A 87 -0.84 21.56 6.15
N VAL A 88 -0.07 20.73 6.84
CA VAL A 88 -0.31 19.31 6.83
C VAL A 88 -1.10 18.95 8.11
N ASP A 89 -1.90 17.88 8.04
CA ASP A 89 -2.78 17.51 9.15
C ASP A 89 -2.00 16.73 10.22
N TYR A 90 -0.96 16.01 9.78
CA TYR A 90 -0.18 15.19 10.67
C TYR A 90 1.24 15.18 10.21
N VAL A 91 2.14 15.02 11.19
CA VAL A 91 3.55 14.82 10.94
C VAL A 91 3.95 13.54 11.60
N VAL A 92 4.59 12.64 10.85
CA VAL A 92 5.03 11.36 11.41
C VAL A 92 6.44 11.07 10.97
N GLU A 93 7.06 10.10 11.66
CA GLU A 93 8.51 9.84 11.57
C GLU A 93 8.70 8.34 11.35
N GLY A 94 9.62 7.95 10.49
CA GLY A 94 9.93 6.52 10.35
C GLY A 94 8.80 5.84 9.58
N GLY A 95 8.52 4.60 9.92
CA GLY A 95 7.47 3.87 9.28
C GLY A 95 6.03 4.27 9.61
N VAL A 96 5.19 4.32 8.58
CA VAL A 96 3.78 4.58 8.73
C VAL A 96 3.05 3.63 7.72
N LEU A 97 1.99 2.98 8.10
CA LEU A 97 1.25 2.10 7.21
C LEU A 97 0.07 2.82 6.60
N GLY A 98 -0.14 2.65 5.31
CA GLY A 98 -1.24 3.30 4.63
C GLY A 98 -2.01 2.23 3.88
N THR A 99 -2.91 2.72 3.04
CA THR A 99 -3.70 1.79 2.23
C THR A 99 -4.06 2.35 0.90
N THR A 100 -4.32 1.48 -0.08
CA THR A 100 -4.79 2.02 -1.41
C THR A 100 -6.28 2.32 -1.25
N ASN A 101 -6.84 3.17 -2.10
CA ASN A 101 -8.34 3.31 -2.16
C ASN A 101 -8.94 2.03 -2.79
N GLU A 102 -8.25 1.51 -3.83
CA GLU A 102 -8.71 0.37 -4.62
C GLU A 102 -8.74 -0.92 -3.85
N TYR A 103 -9.89 -1.60 -3.87
CA TYR A 103 -10.00 -2.99 -3.40
C TYR A 103 -9.81 -3.90 -4.65
N ILE A 104 -9.13 -5.02 -4.53
CA ILE A 104 -8.85 -5.81 -5.72
C ILE A 104 -9.14 -7.27 -5.46
N GLU A 105 -9.63 -7.97 -6.50
CA GLU A 105 -9.64 -9.47 -6.44
C GLU A 105 -8.94 -10.09 -7.65
N LEU A 106 -8.15 -11.11 -7.35
CA LEU A 106 -7.38 -11.78 -8.33
C LEU A 106 -7.85 -13.20 -8.52
N PRO A 107 -7.87 -13.66 -9.76
CA PRO A 107 -8.22 -15.04 -10.01
C PRO A 107 -7.02 -15.88 -9.71
N ASN A 108 -7.17 -17.18 -9.73
CA ASN A 108 -6.13 -18.07 -9.42
C ASN A 108 -5.07 -18.26 -10.51
N ASP A 109 -5.12 -17.45 -11.57
CA ASP A 109 -4.09 -17.56 -12.60
C ASP A 109 -3.36 -16.23 -12.80
N ILE A 110 -3.68 -15.23 -11.99
CA ILE A 110 -3.04 -13.94 -12.07
C ILE A 110 -2.39 -13.57 -10.74
N SER A 111 -1.20 -13.02 -10.81
CA SER A 111 -0.48 -12.61 -9.64
C SER A 111 -0.18 -11.15 -9.86
N ALA A 112 -0.18 -10.33 -8.83
CA ALA A 112 0.08 -8.91 -9.06
C ALA A 112 1.31 -8.51 -8.27
N GLN A 113 1.95 -7.47 -8.72
CA GLN A 113 3.05 -6.93 -7.98
C GLN A 113 2.82 -5.43 -7.78
N TYR A 114 2.94 -4.98 -6.52
CA TYR A 114 2.78 -3.59 -6.21
C TYR A 114 4.12 -2.90 -6.27
N GLN A 115 4.24 -1.79 -6.97
CA GLN A 115 5.45 -1.02 -6.81
C GLN A 115 5.12 0.45 -6.69
N GLY A 116 6.04 1.23 -6.14
CA GLY A 116 5.78 2.64 -6.00
C GLY A 116 6.11 3.38 -7.26
N ARG A 117 5.50 4.54 -7.45
CA ARG A 117 5.75 5.32 -8.66
C ARG A 117 7.13 5.86 -8.68
N SER A 118 7.72 5.95 -9.84
CA SER A 118 9.10 6.37 -9.88
C SER A 118 9.28 7.86 -9.52
N SER A 119 8.22 8.63 -9.61
CA SER A 119 8.27 10.01 -9.17
C SER A 119 8.43 10.17 -7.69
N LEU A 120 7.85 9.27 -6.91
CA LEU A 120 8.07 9.20 -5.49
C LEU A 120 9.44 8.64 -5.17
N GLY A 121 9.88 7.64 -5.95
CA GLY A 121 11.11 7.01 -5.66
C GLY A 121 12.12 8.05 -5.86
N ARG A 122 11.85 8.99 -6.76
CA ARG A 122 12.88 9.99 -7.04
C ARG A 122 12.98 11.04 -5.94
N VAL A 123 12.00 11.08 -5.04
CA VAL A 123 12.15 11.88 -3.84
C VAL A 123 12.41 10.96 -2.64
N PHE A 124 12.82 9.70 -2.88
CA PHE A 124 13.18 8.78 -1.80
C PHE A 124 12.06 8.48 -0.82
N LEU A 125 10.86 8.39 -1.36
CA LEU A 125 9.71 7.96 -0.62
C LEU A 125 9.31 6.56 -1.21
N THR A 126 9.39 5.52 -0.37
CA THR A 126 8.95 4.17 -0.70
C THR A 126 7.62 3.91 -0.01
N SER A 127 6.79 3.15 -0.72
CA SER A 127 5.50 2.73 -0.20
C SER A 127 5.41 1.18 -0.01
N HIS A 128 6.53 0.49 -0.13
CA HIS A 128 6.58 -0.94 0.17
C HIS A 128 8.01 -1.30 0.63
N GLN A 129 8.08 -2.15 1.65
N GLN A 129 8.09 -2.03 1.77
CA GLN A 129 9.37 -2.64 2.12
CA GLN A 129 9.40 -2.39 2.39
C GLN A 129 9.96 -3.72 1.17
C GLN A 129 9.79 -3.89 2.18
N THR A 130 9.12 -4.70 0.87
N THR A 130 10.38 -4.14 1.01
CA THR A 130 9.50 -5.88 0.10
CA THR A 130 10.61 -5.48 0.47
C THR A 130 9.13 -5.75 -1.42
C THR A 130 9.42 -6.35 0.77
N ALA A 131 9.54 -6.76 -2.21
N ALA A 131 8.26 -5.75 0.63
CA ALA A 131 9.28 -6.83 -3.65
CA ALA A 131 7.01 -6.45 0.58
C ALA A 131 7.79 -6.73 -4.10
C ALA A 131 6.42 -6.18 -0.82
N GLY A 132 6.84 -6.95 -3.21
N GLY A 132 5.18 -5.70 -0.90
CA GLY A 132 5.49 -6.54 -3.55
CA GLY A 132 4.57 -5.50 -2.23
C GLY A 132 4.53 -7.48 -4.28
C GLY A 132 3.75 -6.66 -2.84
N TRP A 133 4.89 -8.76 -4.40
N TRP A 133 4.44 -7.67 -3.39
CA TRP A 133 3.97 -9.77 -4.98
CA TRP A 133 3.83 -8.79 -4.17
C TRP A 133 2.84 -10.13 -4.01
C TRP A 133 2.53 -9.38 -3.58
N ILE A 134 1.62 -9.81 -4.48
CA ILE A 134 0.30 -10.24 -4.03
C ILE A 134 0.02 -11.66 -4.57
N ASP A 135 -0.48 -12.58 -3.76
CA ASP A 135 -0.75 -13.95 -4.25
C ASP A 135 -1.94 -14.07 -5.19
N ALA A 136 -1.81 -14.98 -6.15
CA ALA A 136 -2.97 -15.40 -6.93
C ALA A 136 -4.07 -15.71 -5.92
N GLY A 137 -5.24 -15.12 -6.13
CA GLY A 137 -6.41 -15.47 -5.33
C GLY A 137 -6.73 -14.43 -4.25
N PHE A 138 -5.88 -13.40 -4.18
CA PHE A 138 -5.95 -12.39 -3.19
C PHE A 138 -7.20 -11.57 -3.30
N LYS A 139 -7.78 -11.23 -2.15
CA LYS A 139 -8.85 -10.22 -2.11
C LYS A 139 -8.53 -9.16 -1.05
N GLY A 140 -8.57 -7.88 -1.38
CA GLY A 140 -8.43 -6.86 -0.37
C GLY A 140 -7.91 -5.56 -0.94
N LYS A 141 -7.90 -4.48 -0.12
CA LYS A 141 -7.09 -3.32 -0.50
C LYS A 141 -5.64 -3.71 -0.22
N ILE A 142 -4.71 -2.89 -0.69
CA ILE A 142 -3.31 -3.15 -0.45
C ILE A 142 -2.77 -2.25 0.63
N THR A 143 -2.11 -2.84 1.61
CA THR A 143 -1.46 -2.09 2.67
C THR A 143 -0.14 -1.58 2.20
N LEU A 144 0.06 -0.27 2.31
CA LEU A 144 1.33 0.35 2.00
C LEU A 144 2.21 0.46 3.24
N GLN A 145 3.53 0.37 3.00
CA GLN A 145 4.49 0.55 4.02
C GLN A 145 5.35 1.73 3.70
N ILE A 146 5.09 2.88 4.32
CA ILE A 146 5.64 4.12 3.76
C ILE A 146 6.82 4.55 4.58
N VAL A 147 7.94 4.81 3.93
CA VAL A 147 9.11 5.37 4.62
C VAL A 147 9.75 6.33 3.68
N ALA A 148 10.18 7.47 4.22
CA ALA A 148 10.93 8.46 3.47
C ALA A 148 12.41 8.34 3.82
N PHE A 149 13.32 8.49 2.86
CA PHE A 149 14.75 8.17 3.13
C PHE A 149 15.75 9.34 2.96
N ASP A 150 15.30 10.51 2.55
CA ASP A 150 16.20 11.62 2.36
C ASP A 150 15.70 12.84 3.14
N LYS A 151 14.53 13.39 2.77
CA LYS A 151 13.95 14.50 3.55
C LYS A 151 12.45 14.22 3.71
N PRO A 152 11.78 14.95 4.61
CA PRO A 152 10.31 14.76 4.73
C PRO A 152 9.57 14.97 3.40
N VAL A 153 8.48 14.24 3.18
CA VAL A 153 7.73 14.30 1.96
C VAL A 153 6.25 14.54 2.29
N ILE A 154 5.58 15.42 1.52
CA ILE A 154 4.14 15.64 1.74
C ILE A 154 3.41 14.72 0.81
N LEU A 155 2.54 13.87 1.32
CA LEU A 155 1.63 13.07 0.53
C LEU A 155 0.24 13.66 0.66
N TYR A 156 -0.58 13.63 -0.42
CA TYR A 156 -1.97 14.14 -0.41
C TYR A 156 -2.91 12.98 -0.52
N LYS A 157 -4.03 13.03 0.20
CA LYS A 157 -5.12 12.11 0.05
C LYS A 157 -5.41 11.92 -1.42
N ASN A 158 -5.67 10.66 -1.81
CA ASN A 158 -6.09 10.27 -3.18
C ASN A 158 -5.04 10.49 -4.25
N GLN A 159 -3.84 10.91 -3.91
CA GLN A 159 -2.87 10.96 -4.95
C GLN A 159 -2.55 9.56 -5.47
N ARG A 160 -2.04 9.49 -6.71
CA ARG A 160 -1.56 8.23 -7.31
C ARG A 160 -0.31 7.97 -6.52
N ILE A 161 -0.22 6.79 -5.90
CA ILE A 161 0.89 6.45 -5.00
C ILE A 161 1.80 5.35 -5.59
N GLY A 162 1.17 4.44 -6.38
CA GLY A 162 1.93 3.48 -7.13
C GLY A 162 1.17 2.72 -8.17
N GLN A 163 1.66 1.52 -8.47
CA GLN A 163 1.04 0.80 -9.51
C GLN A 163 1.05 -0.70 -9.26
N LEU A 164 0.03 -1.36 -9.80
CA LEU A 164 -0.02 -2.79 -9.91
C LEU A 164 0.41 -3.27 -11.31
N ILE A 165 1.24 -4.32 -11.31
CA ILE A 165 1.68 -4.98 -12.50
C ILE A 165 1.19 -6.39 -12.41
N PHE A 166 0.44 -6.86 -13.40
CA PHE A 166 -0.20 -8.17 -13.28
C PHE A 166 0.49 -9.18 -14.18
N SER A 167 0.75 -10.38 -13.66
CA SER A 167 1.21 -11.36 -14.56
C SER A 167 0.53 -12.69 -14.46
N LYS A 168 0.54 -13.39 -15.61
CA LYS A 168 -0.02 -14.72 -15.79
C LYS A 168 0.79 -15.80 -15.09
N LEU A 169 0.10 -16.71 -14.41
CA LEU A 169 0.75 -17.89 -13.87
C LEU A 169 0.89 -18.90 -15.00
N LEU A 170 1.89 -19.76 -14.90
CA LEU A 170 2.07 -20.85 -15.82
C LEU A 170 0.84 -21.80 -15.77
N SER A 171 0.30 -21.99 -14.58
CA SER A 171 -0.80 -22.91 -14.36
C SER A 171 -1.58 -22.18 -13.33
N PRO A 172 -2.89 -22.43 -13.23
CA PRO A 172 -3.63 -21.72 -12.15
C PRO A 172 -3.26 -22.33 -10.77
N ALA A 173 -3.32 -21.54 -9.71
CA ALA A 173 -3.06 -22.06 -8.36
C ALA A 173 -4.23 -22.92 -7.85
N ASP A 174 -3.93 -24.08 -7.26
CA ASP A 174 -4.96 -24.83 -6.58
C ASP A 174 -5.60 -23.99 -5.49
N VAL A 175 -4.86 -23.42 -4.57
CA VAL A 175 -5.57 -22.57 -3.62
C VAL A 175 -5.22 -21.10 -3.75
N GLY A 176 -6.15 -20.29 -4.20
CA GLY A 176 -5.92 -18.86 -4.14
C GLY A 176 -5.69 -18.32 -2.71
N TYR A 177 -5.14 -17.13 -2.60
CA TYR A 177 -4.97 -16.53 -1.30
C TYR A 177 -6.25 -16.50 -0.42
N SER A 178 -7.34 -15.97 -0.95
CA SER A 178 -8.64 -15.91 -0.26
C SER A 178 -9.18 -17.24 0.20
N GLU A 179 -8.82 -18.32 -0.46
CA GLU A 179 -9.37 -19.60 -0.10
C GLU A 179 -8.61 -20.22 1.04
N ARG A 180 -7.35 -19.87 1.20
CA ARG A 180 -6.53 -20.52 2.22
C ARG A 180 -6.94 -20.06 3.60
N LYS A 181 -7.26 -21.03 4.44
CA LYS A 181 -7.76 -20.74 5.78
C LYS A 181 -6.78 -19.87 6.58
N THR A 182 -5.49 -19.96 6.28
CA THR A 182 -4.47 -19.26 7.09
C THR A 182 -4.19 -17.82 6.62
N SER A 183 -4.66 -17.47 5.43
CA SER A 183 -4.44 -16.14 4.89
C SER A 183 -4.86 -15.03 5.87
N LYS A 184 -3.95 -14.07 6.13
CA LYS A 184 -4.16 -13.07 7.16
C LYS A 184 -4.98 -11.86 6.72
N TYR A 185 -4.89 -11.51 5.43
CA TYR A 185 -5.21 -10.15 4.97
C TYR A 185 -6.34 -10.05 3.88
N ALA A 186 -7.01 -11.17 3.65
CA ALA A 186 -8.17 -11.29 2.77
C ALA A 186 -9.35 -10.36 3.13
N TYR A 187 -9.67 -9.46 2.21
CA TYR A 187 -10.83 -8.60 2.31
C TYR A 187 -10.51 -7.27 3.00
N GLN A 188 -9.23 -7.00 3.15
CA GLN A 188 -8.75 -5.75 3.68
C GLN A 188 -9.70 -4.65 3.23
N LYS A 189 -9.94 -3.67 4.09
CA LYS A 189 -10.93 -2.61 3.83
C LYS A 189 -10.35 -1.25 4.23
N SER A 190 -9.26 -1.29 4.99
CA SER A 190 -8.45 -0.11 5.17
C SER A 190 -6.99 -0.46 5.25
N VAL A 191 -6.24 0.37 5.96
CA VAL A 191 -4.85 0.06 6.26
C VAL A 191 -4.91 -0.89 7.43
N MET A 192 -4.00 -1.86 7.53
CA MET A 192 -4.16 -2.92 8.56
C MET A 192 -2.82 -3.37 9.18
N PRO A 193 -2.73 -3.48 10.53
CA PRO A 193 -1.40 -3.70 11.12
C PRO A 193 -0.80 -5.01 10.64
N SER A 194 0.40 -5.35 11.09
CA SER A 194 0.93 -6.69 10.80
C SER A 194 0.30 -7.75 11.69
N LEU A 195 -0.04 -8.92 11.13
CA LEU A 195 -0.51 -10.00 11.98
C LEU A 195 0.50 -11.14 12.12
N ILE A 196 1.80 -10.86 11.96
CA ILE A 196 2.77 -11.95 11.90
C ILE A 196 2.74 -12.83 13.14
N HIS A 197 2.10 -12.35 14.20
CA HIS A 197 2.01 -13.08 15.43
C HIS A 197 0.94 -14.14 15.37
N LEU A 198 0.37 -14.32 14.18
CA LEU A 198 -0.53 -15.46 13.92
C LEU A 198 0.18 -16.61 13.18
N ASP A 199 1.38 -16.37 12.67
CA ASP A 199 2.21 -17.46 12.18
C ASP A 199 2.31 -18.54 13.28
#